data_1ALA
#
_entry.id   1ALA
#
_cell.length_a   99.400
_cell.length_b   99.400
_cell.length_c   96.200
_cell.angle_alpha   90.00
_cell.angle_beta   90.00
_cell.angle_gamma   120.00
#
_symmetry.space_group_name_H-M   'H 3'
#
loop_
_entity.id
_entity.type
_entity.pdbx_description
1 polymer 'ANNEXIN V'
2 non-polymer 'CALCIUM ION'
3 water water
#
_entity_poly.entity_id   1
_entity_poly.type   'polypeptide(L)'
_entity_poly.pdbx_seq_one_letter_code
;MAKYTRGTVTAFSPFDARADAEALRKAMKGMGTDEETILKILTSRNNAQRQEIASAFKTLFGRDLVDDLKSELTGKFETL
MVSLMRPARIFDAHALKHAIKGAGTNEKVLTEILASRTPAEVQNIKQVYMQEYEANLEDKITGETSGHFQRLLVVLLQAN
RDPDGRVEEALVEKDAQVLFRAGELKWGTDEETFITILGTRSVSHLRRVFDKYMTISGFQIEETIDRETSGDLEKLLLAV
VKCIRSVPAYFAETLYYSMKGAGTDDDTLIRVMVSRSEIDLLDIRHEFRKNFAKSLYQMIQKDTSGDYRKALLLLCGGDD
E
;
_entity_poly.pdbx_strand_id   A
#
loop_
_chem_comp.id
_chem_comp.type
_chem_comp.name
_chem_comp.formula
CA non-polymer 'CALCIUM ION' 'Ca 2'
#
# COMPACT_ATOMS: atom_id res chain seq x y z
N LYS A 3 14.62 -1.06 -11.86
CA LYS A 3 14.58 -0.75 -10.38
C LYS A 3 14.14 0.73 -10.40
N TYR A 4 13.58 0.97 -11.57
CA TYR A 4 12.94 2.13 -12.11
C TYR A 4 11.54 1.42 -12.28
N THR A 5 10.66 1.89 -11.43
CA THR A 5 9.27 1.51 -11.23
C THR A 5 8.42 2.35 -12.16
N ARG A 6 7.42 1.79 -12.78
CA ARG A 6 6.47 2.44 -13.69
C ARG A 6 5.07 2.28 -13.07
N GLY A 7 4.16 3.16 -13.32
CA GLY A 7 2.77 3.16 -12.86
C GLY A 7 1.88 2.92 -14.10
N THR A 8 0.58 2.78 -13.88
CA THR A 8 -0.43 2.60 -14.89
C THR A 8 -1.19 3.94 -15.13
N VAL A 9 -1.10 4.99 -14.29
CA VAL A 9 -1.79 6.23 -14.59
C VAL A 9 -0.86 7.48 -14.80
N THR A 10 -0.99 8.08 -16.00
CA THR A 10 -0.20 9.25 -16.37
C THR A 10 -1.15 10.43 -16.57
N ALA A 11 -0.57 11.60 -16.69
CA ALA A 11 -1.29 12.84 -16.87
C ALA A 11 -1.95 12.80 -18.24
N PHE A 12 -3.22 13.12 -18.08
CA PHE A 12 -4.10 13.21 -19.24
C PHE A 12 -3.84 14.55 -19.96
N SER A 13 -4.09 14.37 -21.24
CA SER A 13 -3.99 15.50 -22.15
C SER A 13 -4.72 15.29 -23.46
N PRO A 14 -5.27 16.40 -23.92
CA PRO A 14 -5.25 17.75 -23.32
C PRO A 14 -6.26 17.95 -22.19
N PHE A 15 -5.74 18.33 -21.04
CA PHE A 15 -6.39 18.59 -19.79
C PHE A 15 -7.02 19.97 -19.72
N ASP A 16 -8.27 19.99 -19.36
CA ASP A 16 -9.17 21.10 -19.11
C ASP A 16 -10.10 20.82 -17.91
N ALA A 17 -9.60 21.18 -16.76
CA ALA A 17 -10.19 21.04 -15.44
C ALA A 17 -11.61 21.57 -15.41
N ARG A 18 -11.84 22.74 -16.01
CA ARG A 18 -13.14 23.41 -16.13
C ARG A 18 -14.04 22.58 -17.01
N ALA A 19 -13.56 22.09 -18.12
CA ALA A 19 -14.36 21.20 -18.98
C ALA A 19 -14.50 19.89 -18.25
N ASP A 20 -13.54 19.42 -17.48
CA ASP A 20 -13.84 18.16 -16.79
C ASP A 20 -14.88 18.36 -15.68
N ALA A 21 -14.83 19.44 -14.92
CA ALA A 21 -15.76 19.69 -13.80
C ALA A 21 -17.22 19.82 -14.22
N GLU A 22 -17.42 20.39 -15.40
CA GLU A 22 -18.72 20.63 -15.99
C GLU A 22 -19.48 19.42 -16.50
N ALA A 23 -18.68 18.47 -16.95
CA ALA A 23 -19.07 17.13 -17.41
C ALA A 23 -19.39 16.21 -16.23
N LEU A 24 -18.81 16.34 -15.06
CA LEU A 24 -19.04 15.59 -13.83
C LEU A 24 -20.34 16.02 -13.15
N ARG A 25 -20.65 17.28 -13.11
CA ARG A 25 -21.81 18.02 -12.60
C ARG A 25 -23.07 17.57 -13.35
N LYS A 26 -22.90 17.51 -14.67
CA LYS A 26 -23.92 17.06 -15.57
C LYS A 26 -24.20 15.56 -15.33
N ALA A 27 -23.15 14.81 -15.14
CA ALA A 27 -23.25 13.38 -14.91
C ALA A 27 -24.04 13.09 -13.64
N MET A 28 -23.94 14.01 -12.72
CA MET A 28 -24.55 13.85 -11.37
C MET A 28 -25.79 14.62 -11.10
N LYS A 29 -25.94 15.65 -11.89
CA LYS A 29 -27.03 16.61 -11.89
C LYS A 29 -28.35 15.89 -12.24
N GLY A 30 -29.31 16.06 -11.35
CA GLY A 30 -30.62 15.47 -11.47
C GLY A 30 -30.63 14.04 -10.85
N MET A 31 -31.72 13.39 -11.19
CA MET A 31 -32.27 12.07 -10.92
C MET A 31 -31.40 11.02 -11.61
N GLY A 32 -30.81 10.22 -10.73
CA GLY A 32 -29.89 9.18 -11.20
C GLY A 32 -28.48 9.82 -11.33
N THR A 33 -27.68 8.98 -11.99
CA THR A 33 -26.28 9.38 -12.17
C THR A 33 -25.70 8.73 -13.41
N ASP A 34 -24.85 9.43 -14.11
CA ASP A 34 -24.17 8.75 -15.26
C ASP A 34 -22.82 8.21 -14.70
N GLU A 35 -22.83 7.03 -14.07
CA GLU A 35 -21.68 6.41 -13.45
C GLU A 35 -20.52 6.25 -14.45
N GLU A 36 -20.85 6.04 -15.69
CA GLU A 36 -19.78 5.86 -16.66
C GLU A 36 -19.10 7.16 -17.00
N THR A 37 -19.62 8.36 -17.11
CA THR A 37 -18.77 9.53 -17.39
C THR A 37 -17.85 9.73 -16.21
N ILE A 38 -18.31 9.56 -14.99
CA ILE A 38 -17.59 9.67 -13.74
C ILE A 38 -16.30 8.84 -13.81
N LEU A 39 -16.48 7.56 -14.00
CA LEU A 39 -15.34 6.61 -14.04
C LEU A 39 -14.36 6.83 -15.18
N LYS A 40 -14.85 7.26 -16.32
CA LYS A 40 -13.98 7.53 -17.43
C LYS A 40 -13.09 8.74 -17.05
N ILE A 41 -13.65 9.81 -16.56
CA ILE A 41 -12.81 10.95 -16.17
C ILE A 41 -11.85 10.53 -15.06
N LEU A 42 -12.33 10.11 -13.90
CA LEU A 42 -11.51 9.77 -12.78
C LEU A 42 -10.49 8.69 -13.07
N THR A 43 -10.62 7.73 -13.97
CA THR A 43 -9.46 6.82 -14.02
C THR A 43 -8.42 7.17 -15.06
N SER A 44 -8.71 8.24 -15.80
CA SER A 44 -7.77 8.69 -16.86
C SER A 44 -7.10 10.03 -16.59
N ARG A 45 -7.32 10.63 -15.44
CA ARG A 45 -6.70 11.87 -14.98
C ARG A 45 -5.84 11.34 -13.79
N ASN A 46 -4.69 11.92 -13.57
CA ASN A 46 -3.83 11.51 -12.45
C ASN A 46 -4.38 12.30 -11.25
N ASN A 47 -3.78 12.07 -10.10
CA ASN A 47 -4.28 12.73 -8.83
C ASN A 47 -4.16 14.22 -8.83
N ALA A 48 -3.05 14.79 -9.30
CA ALA A 48 -2.93 16.28 -9.36
C ALA A 48 -4.03 16.93 -10.16
N GLN A 49 -4.27 16.33 -11.28
CA GLN A 49 -5.32 16.69 -12.25
C GLN A 49 -6.66 16.62 -11.53
N ARG A 50 -6.92 15.53 -10.85
CA ARG A 50 -8.17 15.32 -10.10
C ARG A 50 -8.33 16.47 -9.10
N GLN A 51 -7.26 16.86 -8.45
CA GLN A 51 -7.22 17.95 -7.45
C GLN A 51 -7.63 19.29 -8.09
N GLU A 52 -7.32 19.47 -9.36
CA GLU A 52 -7.57 20.63 -10.17
C GLU A 52 -8.99 20.59 -10.67
N ILE A 53 -9.60 19.48 -10.88
CA ILE A 53 -10.98 19.30 -11.28
C ILE A 53 -11.82 19.64 -10.04
N ALA A 54 -11.40 19.28 -8.84
CA ALA A 54 -12.07 19.49 -7.58
C ALA A 54 -12.23 21.00 -7.33
N SER A 55 -11.14 21.69 -7.62
CA SER A 55 -11.04 23.13 -7.44
C SER A 55 -11.94 23.89 -8.41
N ALA A 56 -11.85 23.43 -9.64
CA ALA A 56 -12.65 24.05 -10.72
C ALA A 56 -14.17 23.95 -10.46
N PHE A 57 -14.54 22.77 -10.03
CA PHE A 57 -15.85 22.32 -9.69
C PHE A 57 -16.26 23.23 -8.54
N LYS A 58 -15.40 23.45 -7.56
CA LYS A 58 -15.87 24.34 -6.44
C LYS A 58 -16.00 25.75 -6.89
N THR A 59 -15.24 26.29 -7.80
CA THR A 59 -15.30 27.65 -8.34
C THR A 59 -16.52 27.92 -9.20
N LEU A 60 -16.89 26.92 -10.00
CA LEU A 60 -17.96 27.02 -10.94
C LEU A 60 -19.32 26.83 -10.30
N PHE A 61 -19.56 25.87 -9.44
CA PHE A 61 -20.91 25.65 -8.85
C PHE A 61 -21.02 25.95 -7.37
N GLY A 62 -19.90 26.03 -6.66
CA GLY A 62 -19.92 26.34 -5.22
C GLY A 62 -20.33 25.12 -4.42
N ARG A 63 -19.99 23.95 -4.95
CA ARG A 63 -20.27 22.64 -4.42
C ARG A 63 -18.96 21.86 -4.25
N ASP A 64 -19.03 20.80 -3.47
CA ASP A 64 -17.78 19.97 -3.23
C ASP A 64 -17.93 18.66 -4.00
N LEU A 65 -16.99 18.35 -4.86
CA LEU A 65 -16.99 17.18 -5.72
C LEU A 65 -17.03 15.89 -4.93
N VAL A 66 -16.23 15.77 -3.91
CA VAL A 66 -16.19 14.54 -3.06
C VAL A 66 -17.53 14.34 -2.37
N ASP A 67 -18.03 15.33 -1.66
CA ASP A 67 -19.33 15.34 -1.01
C ASP A 67 -20.44 14.79 -1.92
N ASP A 68 -20.41 15.27 -3.13
CA ASP A 68 -21.29 14.99 -4.26
C ASP A 68 -21.02 13.54 -4.70
N LEU A 69 -19.79 13.10 -4.82
CA LEU A 69 -19.59 11.69 -5.20
C LEU A 69 -20.21 10.75 -4.16
N LYS A 70 -19.92 11.10 -2.92
CA LYS A 70 -20.37 10.44 -1.72
C LYS A 70 -21.87 10.26 -1.59
N SER A 71 -22.49 11.36 -1.98
CA SER A 71 -23.98 11.40 -1.96
C SER A 71 -24.59 10.82 -3.21
N GLU A 72 -23.97 10.87 -4.38
CA GLU A 72 -24.49 10.21 -5.56
C GLU A 72 -24.17 8.72 -5.69
N LEU A 73 -22.93 8.41 -5.36
CA LEU A 73 -22.50 7.02 -5.53
C LEU A 73 -22.85 6.24 -4.28
N THR A 74 -22.59 4.96 -4.51
CA THR A 74 -22.79 3.84 -3.62
C THR A 74 -21.86 2.66 -3.71
N GLY A 75 -21.71 2.05 -2.56
CA GLY A 75 -20.94 0.83 -2.45
C GLY A 75 -19.45 0.97 -2.71
N LYS A 76 -18.92 -0.06 -3.33
CA LYS A 76 -17.50 -0.10 -3.59
C LYS A 76 -17.07 0.85 -4.69
N PHE A 77 -17.93 1.16 -5.59
CA PHE A 77 -17.70 2.08 -6.70
C PHE A 77 -17.44 3.45 -6.03
N GLU A 78 -18.29 3.76 -5.08
CA GLU A 78 -18.17 4.98 -4.31
C GLU A 78 -16.81 5.10 -3.59
N THR A 79 -16.41 3.99 -2.95
CA THR A 79 -15.17 3.88 -2.19
C THR A 79 -13.99 4.13 -3.09
N LEU A 80 -14.03 3.47 -4.22
CA LEU A 80 -13.01 3.52 -5.24
C LEU A 80 -12.76 4.93 -5.75
N MET A 81 -13.84 5.57 -6.11
CA MET A 81 -13.90 6.94 -6.65
C MET A 81 -13.44 7.94 -5.60
N VAL A 82 -13.88 7.76 -4.38
CA VAL A 82 -13.55 8.61 -3.25
C VAL A 82 -12.07 8.39 -2.93
N SER A 83 -11.51 7.22 -3.02
CA SER A 83 -10.11 6.90 -2.82
C SER A 83 -9.31 7.53 -3.96
N LEU A 84 -9.79 7.54 -5.20
CA LEU A 84 -9.06 8.12 -6.33
C LEU A 84 -8.81 9.63 -6.13
N MET A 85 -9.82 10.27 -5.58
CA MET A 85 -9.96 11.66 -5.27
C MET A 85 -9.10 12.08 -4.08
N ARG A 86 -8.72 11.17 -3.20
CA ARG A 86 -7.91 11.62 -2.04
C ARG A 86 -6.54 12.08 -2.51
N PRO A 87 -6.13 13.25 -1.99
CA PRO A 87 -4.85 13.83 -2.31
C PRO A 87 -3.80 12.78 -1.99
N ALA A 88 -2.87 12.60 -2.90
CA ALA A 88 -1.79 11.60 -2.66
C ALA A 88 -0.95 11.87 -1.44
N ARG A 89 -0.81 13.12 -1.05
CA ARG A 89 -0.03 13.58 0.08
C ARG A 89 -0.43 13.19 1.50
N ILE A 90 -1.66 12.92 1.69
CA ILE A 90 -2.55 12.59 2.77
C ILE A 90 -3.13 11.19 2.83
N PHE A 91 -3.09 10.51 1.71
CA PHE A 91 -3.63 9.16 1.49
C PHE A 91 -3.22 8.20 2.62
N ASP A 92 -1.93 8.01 2.82
CA ASP A 92 -1.33 7.13 3.81
C ASP A 92 -1.66 7.58 5.25
N ALA A 93 -1.50 8.87 5.50
CA ALA A 93 -1.79 9.43 6.83
C ALA A 93 -3.26 9.14 7.18
N HIS A 94 -4.12 9.25 6.20
CA HIS A 94 -5.55 9.03 6.31
C HIS A 94 -5.83 7.55 6.53
N ALA A 95 -5.21 6.67 5.78
CA ALA A 95 -5.44 5.25 5.92
C ALA A 95 -4.99 4.88 7.33
N LEU A 96 -3.89 5.43 7.80
CA LEU A 96 -3.37 5.07 9.15
C LEU A 96 -4.26 5.55 10.27
N LYS A 97 -4.91 6.66 10.08
CA LYS A 97 -5.82 7.23 11.08
C LYS A 97 -7.00 6.30 11.29
N HIS A 98 -7.39 5.62 10.23
CA HIS A 98 -8.54 4.71 10.29
C HIS A 98 -8.33 3.25 10.62
N ALA A 99 -7.09 2.78 10.56
CA ALA A 99 -6.70 1.40 10.86
C ALA A 99 -6.49 1.19 12.38
N ILE A 100 -6.42 2.33 12.99
CA ILE A 100 -6.19 2.67 14.35
C ILE A 100 -7.42 3.19 15.03
N LYS A 101 -8.09 4.16 14.47
CA LYS A 101 -9.29 4.70 15.15
C LYS A 101 -10.46 3.69 15.29
N GLY A 102 -11.07 3.86 16.46
CA GLY A 102 -12.21 3.01 16.79
C GLY A 102 -11.72 1.80 17.63
N ALA A 103 -12.64 0.85 17.75
CA ALA A 103 -12.34 -0.36 18.52
C ALA A 103 -11.56 -1.27 17.57
N GLY A 104 -10.57 -1.87 18.16
CA GLY A 104 -9.62 -2.78 17.53
C GLY A 104 -8.58 -1.93 16.80
N THR A 105 -7.99 -2.59 15.83
CA THR A 105 -6.98 -1.94 15.01
C THR A 105 -7.00 -2.76 13.73
N ASN A 106 -6.59 -2.10 12.66
CA ASN A 106 -6.46 -2.95 11.44
C ASN A 106 -4.95 -3.20 11.32
N GLU A 107 -4.36 -4.18 11.87
CA GLU A 107 -2.93 -4.58 11.88
C GLU A 107 -2.41 -4.60 10.46
N LYS A 108 -3.21 -5.08 9.56
CA LYS A 108 -3.06 -5.20 8.11
C LYS A 108 -2.57 -3.89 7.52
N VAL A 109 -3.26 -2.78 7.54
CA VAL A 109 -2.81 -1.50 6.98
C VAL A 109 -1.55 -1.05 7.70
N LEU A 110 -1.48 -1.34 9.01
CA LEU A 110 -0.33 -0.91 9.82
C LEU A 110 0.95 -1.39 9.13
N THR A 111 0.94 -2.70 9.00
CA THR A 111 2.01 -3.48 8.41
C THR A 111 2.35 -3.20 6.96
N GLU A 112 1.30 -3.12 6.18
CA GLU A 112 1.51 -2.89 4.74
C GLU A 112 2.24 -1.59 4.47
N ILE A 113 1.63 -0.52 5.03
CA ILE A 113 2.21 0.82 4.86
C ILE A 113 3.57 0.96 5.53
N LEU A 114 3.84 0.52 6.76
CA LEU A 114 5.14 0.68 7.42
C LEU A 114 6.25 -0.19 6.85
N ALA A 115 5.88 -1.37 6.37
CA ALA A 115 6.80 -2.31 5.78
C ALA A 115 7.13 -1.84 4.36
N SER A 116 6.22 -1.33 3.57
CA SER A 116 6.40 -0.93 2.17
C SER A 116 6.78 0.48 1.73
N ARG A 117 6.67 1.47 2.58
CA ARG A 117 6.98 2.84 2.24
C ARG A 117 8.46 3.12 2.52
N THR A 118 9.01 4.01 1.71
CA THR A 118 10.40 4.53 1.79
C THR A 118 10.49 5.49 2.96
N PRO A 119 11.65 5.60 3.56
CA PRO A 119 12.00 6.46 4.73
C PRO A 119 11.54 7.87 4.53
N ALA A 120 11.60 8.28 3.30
CA ALA A 120 11.18 9.62 2.88
C ALA A 120 9.65 9.61 2.94
N GLU A 121 9.05 8.54 2.45
CA GLU A 121 7.60 8.45 2.49
C GLU A 121 7.22 8.35 3.94
N VAL A 122 7.87 7.60 4.82
CA VAL A 122 7.43 7.53 6.24
C VAL A 122 7.51 8.89 6.93
N GLN A 123 8.64 9.51 6.66
CA GLN A 123 8.92 10.86 7.16
C GLN A 123 7.83 11.84 6.72
N ASN A 124 7.40 11.72 5.47
CA ASN A 124 6.32 12.64 5.01
C ASN A 124 5.00 12.32 5.77
N ILE A 125 4.65 11.04 5.94
CA ILE A 125 3.44 10.65 6.58
C ILE A 125 3.29 11.16 8.04
N LYS A 126 4.38 11.01 8.76
CA LYS A 126 4.42 11.40 10.19
C LYS A 126 4.02 12.87 10.39
N GLN A 127 4.46 13.59 9.39
CA GLN A 127 4.30 15.02 9.18
C GLN A 127 2.93 15.50 8.73
N VAL A 128 2.40 14.89 7.68
CA VAL A 128 1.07 15.22 7.19
C VAL A 128 0.11 14.83 8.30
N TYR A 129 0.48 13.70 8.97
CA TYR A 129 -0.40 13.24 10.08
C TYR A 129 -0.50 14.24 11.22
N MET A 130 0.64 14.73 11.65
CA MET A 130 0.72 15.74 12.70
C MET A 130 -0.10 16.96 12.17
N GLN A 131 0.20 17.41 10.96
CA GLN A 131 -0.53 18.59 10.41
C GLN A 131 -2.04 18.43 10.31
N GLU A 132 -2.51 17.37 9.69
CA GLU A 132 -3.93 17.11 9.54
C GLU A 132 -4.67 16.58 10.76
N TYR A 133 -4.13 15.59 11.47
CA TYR A 133 -4.90 15.02 12.60
C TYR A 133 -4.57 15.63 13.91
N GLU A 134 -3.54 16.44 13.92
CA GLU A 134 -3.03 17.10 15.13
C GLU A 134 -2.29 16.24 16.14
N ALA A 135 -2.28 14.94 15.98
CA ALA A 135 -1.58 14.05 16.90
C ALA A 135 -0.30 13.58 16.19
N ASN A 136 0.54 13.03 17.06
CA ASN A 136 1.85 12.44 16.72
C ASN A 136 1.51 10.98 16.34
N LEU A 137 1.86 10.55 15.15
CA LEU A 137 1.57 9.23 14.65
C LEU A 137 1.97 8.15 15.64
N GLU A 138 3.21 8.34 16.05
CA GLU A 138 3.94 7.45 16.97
C GLU A 138 3.32 7.11 18.30
N ASP A 139 2.69 8.02 19.02
CA ASP A 139 1.97 7.98 20.30
C ASP A 139 0.75 7.06 20.17
N LYS A 140 0.17 7.20 18.98
CA LYS A 140 -0.99 6.42 18.53
C LYS A 140 -0.67 4.95 18.26
N ILE A 141 0.31 4.73 17.42
CA ILE A 141 0.63 3.31 17.11
C ILE A 141 0.84 2.55 18.42
N THR A 142 1.59 3.30 19.17
CA THR A 142 2.07 2.89 20.54
C THR A 142 0.91 2.71 21.49
N GLY A 143 -0.25 3.27 21.18
CA GLY A 143 -1.45 3.14 22.03
C GLY A 143 -2.37 2.01 21.56
N GLU A 144 -2.29 1.61 20.32
CA GLU A 144 -3.06 0.56 19.68
C GLU A 144 -2.44 -0.82 19.62
N THR A 145 -1.13 -0.80 19.67
CA THR A 145 -0.37 -2.08 19.57
C THR A 145 0.44 -2.32 20.82
N SER A 146 0.91 -3.55 20.91
CA SER A 146 1.73 -3.88 22.10
C SER A 146 2.76 -4.93 21.75
N GLY A 147 3.80 -5.15 22.58
CA GLY A 147 4.79 -6.16 22.28
C GLY A 147 5.86 -5.83 21.27
N HIS A 148 6.38 -6.89 20.64
CA HIS A 148 7.42 -6.82 19.62
C HIS A 148 6.89 -6.28 18.32
N PHE A 149 5.60 -6.50 18.18
CA PHE A 149 4.85 -6.03 17.00
C PHE A 149 5.01 -4.50 17.12
N GLN A 150 4.53 -3.98 18.24
CA GLN A 150 4.61 -2.58 18.56
C GLN A 150 6.03 -2.05 18.42
N ARG A 151 7.03 -2.75 18.95
CA ARG A 151 8.39 -2.19 18.84
C ARG A 151 8.97 -2.21 17.42
N LEU A 152 8.60 -3.20 16.62
CA LEU A 152 9.05 -3.19 15.22
C LEU A 152 8.40 -2.04 14.45
N LEU A 153 7.15 -1.65 14.63
CA LEU A 153 6.50 -0.55 13.94
C LEU A 153 7.17 0.76 14.37
N VAL A 154 7.57 0.86 15.65
CA VAL A 154 8.24 2.07 16.10
C VAL A 154 9.63 2.17 15.47
N VAL A 155 10.32 1.06 15.38
CA VAL A 155 11.66 1.06 14.75
C VAL A 155 11.47 1.61 13.33
N LEU A 156 10.53 1.08 12.59
CA LEU A 156 10.13 1.38 11.22
C LEU A 156 9.68 2.86 11.09
N LEU A 157 8.99 3.42 12.04
CA LEU A 157 8.53 4.76 12.09
C LEU A 157 9.71 5.74 12.22
N GLN A 158 10.87 5.33 12.70
CA GLN A 158 12.04 6.24 12.76
C GLN A 158 12.57 6.56 11.34
N ALA A 159 12.23 5.78 10.32
CA ALA A 159 12.66 6.11 8.94
C ALA A 159 14.12 6.53 8.88
N ASN A 160 14.84 5.67 9.55
CA ASN A 160 16.24 5.58 9.84
C ASN A 160 17.02 4.32 9.48
N ARG A 161 16.71 3.54 8.50
CA ARG A 161 17.51 2.33 8.16
C ARG A 161 18.92 2.75 7.80
N ASP A 162 19.96 1.95 7.87
CA ASP A 162 21.28 2.46 7.46
C ASP A 162 21.19 2.75 5.93
N PRO A 163 22.15 3.50 5.51
CA PRO A 163 22.38 3.84 4.10
C PRO A 163 23.20 2.73 3.42
N ASP A 164 22.91 2.51 2.15
CA ASP A 164 23.50 1.56 1.22
C ASP A 164 24.90 2.06 0.83
N GLY A 165 25.89 1.42 1.43
CA GLY A 165 27.30 1.78 1.17
C GLY A 165 28.06 0.44 1.08
N ARG A 166 29.10 0.45 1.90
CA ARG A 166 30.01 -0.70 2.00
C ARG A 166 29.38 -1.90 2.71
N VAL A 167 29.42 -3.08 2.10
CA VAL A 167 28.80 -4.18 2.90
C VAL A 167 29.99 -4.93 3.52
N GLU A 168 29.87 -5.11 4.83
CA GLU A 168 30.97 -5.84 5.50
C GLU A 168 30.48 -7.25 5.66
N GLU A 169 31.11 -8.20 5.00
CA GLU A 169 30.72 -9.59 5.00
C GLU A 169 30.77 -10.27 6.34
N ALA A 170 31.55 -9.67 7.21
CA ALA A 170 31.65 -10.28 8.55
C ALA A 170 30.31 -10.08 9.25
N LEU A 171 29.88 -8.85 9.02
CA LEU A 171 28.59 -8.45 9.60
C LEU A 171 27.44 -9.24 8.95
N VAL A 172 27.57 -9.35 7.64
CA VAL A 172 26.55 -10.05 6.86
C VAL A 172 26.40 -11.46 7.47
N GLU A 173 27.61 -11.86 7.77
CA GLU A 173 27.82 -13.19 8.31
C GLU A 173 27.37 -13.41 9.72
N LYS A 174 27.58 -12.48 10.59
CA LYS A 174 27.14 -12.49 11.98
C LYS A 174 25.61 -12.50 12.05
N ASP A 175 25.00 -11.58 11.30
CA ASP A 175 23.55 -11.39 11.17
C ASP A 175 22.83 -12.63 10.65
N ALA A 176 23.35 -13.29 9.61
CA ALA A 176 22.74 -14.52 9.11
C ALA A 176 22.71 -15.61 10.17
N GLN A 177 23.83 -15.68 10.88
CA GLN A 177 23.95 -16.72 11.92
C GLN A 177 22.90 -16.40 12.98
N VAL A 178 22.58 -15.16 13.30
CA VAL A 178 21.57 -14.94 14.34
C VAL A 178 20.15 -15.14 13.83
N LEU A 179 19.80 -14.84 12.60
CA LEU A 179 18.42 -15.08 12.10
C LEU A 179 18.07 -16.58 11.92
N PHE A 180 19.13 -17.29 11.56
CA PHE A 180 19.21 -18.74 11.33
C PHE A 180 18.67 -19.45 12.59
N ARG A 181 19.27 -19.01 13.66
CA ARG A 181 19.03 -19.43 15.04
C ARG A 181 17.67 -19.03 15.54
N ALA A 182 17.23 -17.83 15.26
CA ALA A 182 15.90 -17.38 15.68
C ALA A 182 14.85 -18.08 14.81
N GLY A 183 15.18 -18.43 13.60
CA GLY A 183 14.33 -19.12 12.63
C GLY A 183 13.92 -20.50 13.15
N GLU A 184 14.94 -21.15 13.69
CA GLU A 184 14.88 -22.48 14.27
C GLU A 184 14.03 -22.41 15.52
N LEU A 185 14.10 -21.23 16.11
CA LEU A 185 13.34 -20.99 17.34
C LEU A 185 11.94 -20.47 17.07
N LYS A 186 11.52 -20.49 15.82
CA LYS A 186 10.15 -20.08 15.51
C LYS A 186 9.87 -18.62 15.76
N TRP A 187 10.91 -17.83 15.57
CA TRP A 187 10.93 -16.35 15.72
C TRP A 187 10.37 -16.03 17.10
N GLY A 188 10.64 -17.04 17.91
CA GLY A 188 10.29 -17.21 19.29
C GLY A 188 11.13 -16.46 20.29
N THR A 189 12.40 -16.23 20.01
CA THR A 189 13.15 -15.46 21.02
C THR A 189 14.34 -14.71 20.42
N ASP A 190 14.85 -13.90 21.34
CA ASP A 190 15.98 -13.00 21.00
C ASP A 190 15.30 -12.13 19.92
N GLU A 191 14.10 -11.73 20.24
CA GLU A 191 13.32 -10.94 19.31
C GLU A 191 13.95 -9.57 19.12
N GLU A 192 14.39 -9.11 20.29
CA GLU A 192 15.05 -7.81 20.37
C GLU A 192 16.18 -7.69 19.36
N THR A 193 16.89 -8.77 19.13
CA THR A 193 18.03 -8.79 18.21
C THR A 193 17.72 -8.81 16.70
N PHE A 194 16.73 -9.58 16.34
CA PHE A 194 16.34 -9.71 14.93
C PHE A 194 15.47 -8.52 14.56
N ILE A 195 14.93 -7.76 15.49
CA ILE A 195 14.17 -6.53 15.22
C ILE A 195 15.11 -5.38 14.80
N THR A 196 16.28 -5.31 15.40
CA THR A 196 17.45 -4.45 15.30
C THR A 196 18.04 -4.67 13.87
N ILE A 197 18.21 -5.91 13.48
CA ILE A 197 18.77 -6.35 12.22
C ILE A 197 17.84 -6.05 11.05
N LEU A 198 16.60 -6.47 11.12
CA LEU A 198 15.60 -6.26 10.08
C LEU A 198 15.08 -4.85 9.97
N GLY A 199 14.98 -4.15 11.07
CA GLY A 199 14.50 -2.77 11.04
C GLY A 199 15.54 -1.73 10.64
N THR A 200 16.80 -1.88 11.00
CA THR A 200 17.88 -0.93 10.79
C THR A 200 18.93 -1.19 9.76
N ARG A 201 19.22 -2.37 9.32
CA ARG A 201 20.31 -2.53 8.31
C ARG A 201 19.93 -2.04 6.93
N SER A 202 20.77 -1.59 6.06
CA SER A 202 20.47 -1.11 4.71
C SER A 202 19.76 -2.17 3.88
N VAL A 203 19.19 -1.87 2.73
CA VAL A 203 18.56 -2.98 1.99
C VAL A 203 19.58 -3.90 1.33
N SER A 204 20.68 -3.33 0.89
CA SER A 204 21.72 -4.07 0.17
C SER A 204 22.38 -5.03 1.14
N HIS A 205 22.53 -4.59 2.35
CA HIS A 205 23.11 -5.43 3.41
C HIS A 205 22.16 -6.54 3.72
N LEU A 206 20.86 -6.42 3.86
CA LEU A 206 19.90 -7.48 4.19
C LEU A 206 19.68 -8.45 3.05
N ARG A 207 19.75 -8.06 1.82
CA ARG A 207 19.58 -8.98 0.66
C ARG A 207 20.73 -9.97 0.65
N ARG A 208 21.88 -9.44 1.09
CA ARG A 208 23.14 -10.21 1.20
C ARG A 208 23.03 -11.26 2.29
N VAL A 209 22.43 -10.97 3.43
CA VAL A 209 22.08 -11.60 4.67
C VAL A 209 21.11 -12.72 4.26
N PHE A 210 20.10 -12.45 3.53
CA PHE A 210 19.13 -13.46 3.10
C PHE A 210 19.80 -14.50 2.19
N ASP A 211 20.71 -14.15 1.35
CA ASP A 211 21.40 -15.06 0.42
C ASP A 211 22.19 -16.09 1.24
N LYS A 212 22.93 -15.57 2.18
CA LYS A 212 23.78 -16.19 3.16
C LYS A 212 22.94 -17.11 4.03
N TYR A 213 21.82 -16.57 4.49
CA TYR A 213 20.84 -17.29 5.32
C TYR A 213 20.46 -18.58 4.57
N MET A 214 20.07 -18.52 3.34
CA MET A 214 19.68 -19.59 2.42
C MET A 214 20.84 -20.60 2.31
N THR A 215 22.09 -20.14 2.29
CA THR A 215 23.21 -21.09 2.21
C THR A 215 23.45 -21.87 3.48
N ILE A 216 23.06 -21.36 4.63
CA ILE A 216 23.26 -22.03 5.94
C ILE A 216 22.22 -23.10 6.21
N SER A 217 20.97 -22.73 6.09
CA SER A 217 19.73 -23.44 6.28
C SER A 217 19.22 -24.29 5.12
N GLY A 218 19.28 -23.89 3.88
CA GLY A 218 18.76 -24.54 2.68
C GLY A 218 17.35 -24.03 2.27
N PHE A 219 16.80 -23.14 3.07
CA PHE A 219 15.51 -22.49 2.98
C PHE A 219 15.76 -20.96 3.08
N GLN A 220 14.77 -20.40 2.45
CA GLN A 220 14.60 -18.94 2.31
C GLN A 220 13.97 -18.49 3.61
N ILE A 221 14.39 -17.37 4.16
CA ILE A 221 13.83 -16.84 5.40
C ILE A 221 12.31 -16.75 5.50
N GLU A 222 11.60 -16.47 4.43
CA GLU A 222 10.13 -16.38 4.41
C GLU A 222 9.53 -17.77 4.55
N GLU A 223 10.30 -18.75 4.14
CA GLU A 223 9.85 -20.14 4.15
C GLU A 223 9.74 -20.55 5.60
N THR A 224 10.48 -19.85 6.44
CA THR A 224 10.42 -20.21 7.88
C THR A 224 9.33 -19.51 8.64
N ILE A 225 8.28 -19.02 7.99
CA ILE A 225 7.16 -18.33 8.60
C ILE A 225 5.87 -18.60 7.86
N ASP A 226 4.85 -19.09 8.56
CA ASP A 226 3.54 -19.30 7.90
C ASP A 226 2.75 -17.96 7.86
N ARG A 227 2.44 -17.66 6.60
CA ARG A 227 1.70 -16.53 6.07
C ARG A 227 0.23 -16.47 6.48
N GLU A 228 -0.46 -17.48 5.97
CA GLU A 228 -1.87 -17.79 6.15
C GLU A 228 -2.19 -17.88 7.64
N THR A 229 -1.43 -18.66 8.43
CA THR A 229 -1.76 -18.74 9.87
C THR A 229 -1.32 -17.42 10.52
N SER A 230 -1.08 -17.52 11.82
CA SER A 230 -0.75 -16.42 12.68
C SER A 230 0.61 -15.80 12.93
N GLY A 231 0.49 -14.91 13.90
CA GLY A 231 1.34 -14.02 14.61
C GLY A 231 1.33 -12.62 13.97
N ASP A 232 1.10 -11.55 14.71
CA ASP A 232 1.12 -10.20 14.14
C ASP A 232 2.56 -9.82 13.76
N LEU A 233 3.45 -10.20 14.67
CA LEU A 233 4.88 -9.90 14.41
C LEU A 233 5.42 -10.71 13.24
N GLU A 234 4.93 -11.91 13.14
CA GLU A 234 5.35 -12.80 12.06
C GLU A 234 4.97 -12.19 10.72
N LYS A 235 3.76 -11.80 10.61
CA LYS A 235 3.15 -11.12 9.48
C LYS A 235 3.95 -9.83 9.23
N LEU A 236 4.34 -9.15 10.29
CA LEU A 236 5.10 -7.90 10.01
C LEU A 236 6.50 -8.33 9.55
N LEU A 237 7.18 -9.21 10.15
CA LEU A 237 8.53 -9.70 9.77
C LEU A 237 8.54 -10.11 8.28
N LEU A 238 7.52 -10.83 7.84
CA LEU A 238 7.24 -11.36 6.54
C LEU A 238 7.04 -10.22 5.54
N ALA A 239 6.29 -9.17 5.86
CA ALA A 239 6.09 -8.03 5.00
C ALA A 239 7.41 -7.32 4.83
N VAL A 240 8.23 -7.15 5.84
CA VAL A 240 9.55 -6.52 5.76
C VAL A 240 10.53 -7.30 4.87
N VAL A 241 10.60 -8.59 5.13
CA VAL A 241 11.51 -9.47 4.34
C VAL A 241 11.21 -9.28 2.84
N LYS A 242 9.95 -9.32 2.51
CA LYS A 242 9.53 -9.19 1.11
C LYS A 242 9.66 -7.79 0.55
N CYS A 243 9.52 -6.79 1.35
CA CYS A 243 9.69 -5.44 0.78
C CYS A 243 11.19 -5.25 0.56
N ILE A 244 12.03 -5.86 1.40
CA ILE A 244 13.48 -5.81 1.25
C ILE A 244 13.94 -6.41 -0.08
N ARG A 245 13.41 -7.53 -0.47
CA ARG A 245 13.76 -8.12 -1.77
C ARG A 245 13.01 -7.38 -2.89
N SER A 246 11.72 -7.11 -2.82
CA SER A 246 10.95 -6.40 -3.87
C SER A 246 9.57 -5.84 -3.47
N VAL A 247 9.41 -4.53 -3.52
CA VAL A 247 8.08 -4.02 -3.11
C VAL A 247 6.94 -4.49 -4.03
N PRO A 248 7.12 -4.43 -5.33
CA PRO A 248 6.19 -4.85 -6.34
C PRO A 248 5.80 -6.30 -6.17
N ALA A 249 6.77 -7.17 -5.84
CA ALA A 249 6.37 -8.59 -5.63
C ALA A 249 5.48 -8.75 -4.40
N TYR A 250 5.82 -7.99 -3.37
CA TYR A 250 5.05 -8.03 -2.13
C TYR A 250 3.60 -7.65 -2.41
N PHE A 251 3.34 -6.56 -3.10
CA PHE A 251 2.01 -6.05 -3.45
C PHE A 251 1.34 -6.98 -4.45
N ALA A 252 2.05 -7.64 -5.31
CA ALA A 252 1.38 -8.52 -6.30
C ALA A 252 0.65 -9.63 -5.56
N GLU A 253 1.43 -10.18 -4.65
CA GLU A 253 1.01 -11.25 -3.73
C GLU A 253 -0.09 -10.84 -2.75
N THR A 254 -0.02 -9.58 -2.32
CA THR A 254 -1.01 -8.96 -1.44
C THR A 254 -2.33 -8.92 -2.22
N LEU A 255 -2.19 -8.50 -3.47
CA LEU A 255 -3.36 -8.38 -4.38
C LEU A 255 -3.85 -9.79 -4.66
N TYR A 256 -2.92 -10.70 -4.89
CA TYR A 256 -3.44 -12.05 -5.19
C TYR A 256 -4.24 -12.65 -4.05
N TYR A 257 -3.78 -12.47 -2.81
CA TYR A 257 -4.50 -13.03 -1.65
C TYR A 257 -5.77 -12.22 -1.35
N SER A 258 -5.97 -11.06 -1.98
CA SER A 258 -7.19 -10.31 -1.68
C SER A 258 -8.37 -10.82 -2.49
N MET A 259 -8.13 -11.72 -3.42
CA MET A 259 -9.13 -12.31 -4.31
C MET A 259 -9.15 -13.81 -4.33
N LYS A 260 -8.08 -14.46 -3.98
CA LYS A 260 -8.10 -15.96 -4.02
C LYS A 260 -9.06 -16.49 -2.99
N GLY A 261 -9.95 -17.39 -3.37
CA GLY A 261 -10.92 -18.03 -2.43
C GLY A 261 -12.25 -17.32 -2.44
N ALA A 262 -13.26 -17.75 -1.73
CA ALA A 262 -14.60 -17.10 -1.70
C ALA A 262 -14.46 -15.64 -1.25
N GLY A 263 -15.11 -14.75 -1.98
CA GLY A 263 -15.09 -13.31 -1.76
C GLY A 263 -13.83 -12.57 -2.22
N THR A 264 -13.78 -11.30 -1.80
CA THR A 264 -12.70 -10.37 -2.08
C THR A 264 -12.56 -9.47 -0.85
N ASP A 265 -11.31 -9.13 -0.55
CA ASP A 265 -11.00 -8.17 0.52
C ASP A 265 -10.96 -6.93 -0.38
N ASP A 266 -12.08 -6.30 -0.61
CA ASP A 266 -12.15 -5.12 -1.46
C ASP A 266 -11.43 -3.93 -0.87
N ASP A 267 -11.34 -3.90 0.46
CA ASP A 267 -10.62 -2.80 1.15
C ASP A 267 -9.12 -2.86 0.72
N THR A 268 -8.58 -4.04 0.58
CA THR A 268 -7.20 -4.14 0.18
C THR A 268 -7.03 -4.00 -1.33
N LEU A 269 -7.96 -4.53 -2.10
CA LEU A 269 -7.87 -4.45 -3.56
C LEU A 269 -7.76 -2.96 -3.97
N ILE A 270 -8.70 -2.17 -3.45
CA ILE A 270 -8.77 -0.75 -3.69
C ILE A 270 -7.60 0.04 -3.16
N ARG A 271 -7.19 -0.08 -1.94
CA ARG A 271 -6.11 0.64 -1.30
C ARG A 271 -4.84 0.54 -2.12
N VAL A 272 -4.51 -0.68 -2.53
CA VAL A 272 -3.31 -1.04 -3.32
C VAL A 272 -3.34 -0.47 -4.75
N MET A 273 -4.42 -0.80 -5.44
CA MET A 273 -4.65 -0.35 -6.84
C MET A 273 -4.44 1.17 -6.89
N VAL A 274 -5.08 1.88 -6.01
CA VAL A 274 -5.00 3.36 -5.92
C VAL A 274 -3.60 3.85 -5.54
N SER A 275 -3.15 3.36 -4.38
CA SER A 275 -1.85 3.78 -3.84
C SER A 275 -0.64 3.60 -4.77
N ARG A 276 -0.69 2.49 -5.51
CA ARG A 276 0.48 2.24 -6.37
C ARG A 276 0.21 2.56 -7.83
N SER A 277 -0.95 3.08 -8.11
CA SER A 277 -1.30 3.36 -9.49
C SER A 277 -0.32 4.27 -10.22
N GLU A 278 0.31 5.16 -9.47
CA GLU A 278 1.23 6.13 -10.01
C GLU A 278 2.64 5.88 -9.54
N ILE A 279 2.95 4.73 -8.95
CA ILE A 279 4.32 4.41 -8.52
C ILE A 279 4.89 3.19 -9.21
N ASP A 280 4.31 2.03 -8.90
CA ASP A 280 4.76 0.73 -9.44
C ASP A 280 3.69 -0.27 -9.87
N LEU A 281 2.47 0.25 -10.14
CA LEU A 281 1.42 -0.65 -10.55
C LEU A 281 1.80 -1.44 -11.78
N LEU A 282 2.65 -0.99 -12.65
CA LEU A 282 2.98 -1.83 -13.82
C LEU A 282 3.94 -2.95 -13.48
N ASP A 283 4.80 -2.63 -12.55
CA ASP A 283 5.79 -3.69 -12.14
C ASP A 283 5.04 -4.77 -11.37
N ILE A 284 4.07 -4.34 -10.58
CA ILE A 284 3.24 -5.23 -9.77
C ILE A 284 2.51 -6.20 -10.70
N ARG A 285 1.89 -5.67 -11.75
CA ARG A 285 1.19 -6.49 -12.75
C ARG A 285 2.15 -7.55 -13.32
N HIS A 286 3.39 -7.17 -13.51
CA HIS A 286 4.48 -8.04 -13.98
C HIS A 286 4.90 -9.13 -13.03
N GLU A 287 4.99 -8.89 -11.75
CA GLU A 287 5.31 -9.89 -10.74
C GLU A 287 4.17 -10.86 -10.49
N PHE A 288 2.98 -10.33 -10.66
CA PHE A 288 1.75 -11.11 -10.46
C PHE A 288 1.66 -12.23 -11.49
N ARG A 289 1.86 -11.83 -12.73
CA ARG A 289 1.84 -12.71 -13.89
C ARG A 289 3.00 -13.74 -13.87
N LYS A 290 4.21 -13.31 -13.52
CA LYS A 290 5.37 -14.20 -13.48
C LYS A 290 5.13 -15.17 -12.33
N ASN A 291 4.83 -14.64 -11.16
CA ASN A 291 4.54 -15.42 -9.95
C ASN A 291 3.20 -16.13 -9.97
N PHE A 292 2.05 -15.55 -10.27
CA PHE A 292 0.73 -16.19 -10.22
C PHE A 292 0.20 -16.94 -11.42
N ALA A 293 0.89 -16.73 -12.53
CA ALA A 293 0.52 -17.45 -13.78
C ALA A 293 -0.78 -16.96 -14.38
N LYS A 294 -1.35 -15.92 -13.83
CA LYS A 294 -2.58 -15.25 -14.27
C LYS A 294 -2.20 -13.75 -14.35
N SER A 295 -3.06 -13.01 -15.04
CA SER A 295 -2.71 -11.57 -15.10
C SER A 295 -3.59 -10.96 -14.02
N LEU A 296 -3.20 -9.78 -13.60
CA LEU A 296 -3.99 -9.05 -12.56
C LEU A 296 -5.33 -8.81 -13.21
N TYR A 297 -5.34 -8.31 -14.39
CA TYR A 297 -6.60 -8.02 -15.10
C TYR A 297 -7.62 -9.12 -15.01
N GLN A 298 -7.22 -10.32 -15.43
CA GLN A 298 -8.19 -11.45 -15.43
C GLN A 298 -8.62 -11.82 -14.04
N MET A 299 -7.79 -11.79 -13.03
CA MET A 299 -8.21 -12.13 -11.66
C MET A 299 -9.30 -11.15 -11.17
N ILE A 300 -9.14 -9.85 -11.44
CA ILE A 300 -9.99 -8.77 -11.12
C ILE A 300 -11.30 -8.87 -11.95
N GLN A 301 -11.21 -9.33 -13.18
CA GLN A 301 -12.43 -9.46 -14.02
C GLN A 301 -13.46 -10.45 -13.41
N LYS A 302 -12.87 -11.50 -12.90
CA LYS A 302 -13.47 -12.62 -12.22
C LYS A 302 -13.90 -12.42 -10.78
N ASP A 303 -13.24 -11.57 -10.04
CA ASP A 303 -13.60 -11.32 -8.65
C ASP A 303 -14.59 -10.24 -8.42
N THR A 304 -14.63 -9.26 -9.30
CA THR A 304 -15.50 -8.09 -9.19
C THR A 304 -16.51 -8.04 -10.30
N SER A 305 -17.44 -7.14 -10.10
CA SER A 305 -18.52 -6.85 -11.05
C SER A 305 -18.86 -5.35 -11.15
N GLY A 306 -19.50 -5.09 -12.27
CA GLY A 306 -20.00 -3.79 -12.66
C GLY A 306 -18.98 -2.67 -12.88
N ASP A 307 -19.49 -1.54 -12.53
CA ASP A 307 -18.82 -0.27 -12.63
C ASP A 307 -17.59 -0.25 -11.72
N TYR A 308 -17.66 -0.96 -10.65
CA TYR A 308 -16.55 -1.12 -9.68
C TYR A 308 -15.44 -1.83 -10.46
N ARG A 309 -15.84 -2.83 -11.19
CA ARG A 309 -15.02 -3.66 -12.01
C ARG A 309 -14.49 -2.90 -13.23
N LYS A 310 -15.27 -2.16 -13.93
CA LYS A 310 -14.75 -1.39 -15.07
C LYS A 310 -13.76 -0.30 -14.66
N ALA A 311 -13.96 0.32 -13.50
CA ALA A 311 -13.06 1.39 -13.03
C ALA A 311 -11.70 0.72 -12.64
N LEU A 312 -11.76 -0.39 -11.97
CA LEU A 312 -10.56 -1.18 -11.56
C LEU A 312 -9.74 -1.66 -12.77
N LEU A 313 -10.42 -2.15 -13.79
CA LEU A 313 -9.83 -2.60 -15.04
C LEU A 313 -9.23 -1.40 -15.75
N LEU A 314 -9.88 -0.23 -15.73
CA LEU A 314 -9.27 0.95 -16.38
C LEU A 314 -8.02 1.29 -15.58
N LEU A 315 -8.06 1.23 -14.29
CA LEU A 315 -6.87 1.53 -13.45
C LEU A 315 -5.68 0.62 -13.73
N CYS A 316 -6.07 -0.64 -13.88
CA CYS A 316 -5.19 -1.79 -14.16
C CYS A 316 -4.42 -1.70 -15.46
N GLY A 317 -5.11 -1.36 -16.54
CA GLY A 317 -4.65 -1.20 -17.89
C GLY A 317 -4.53 -2.29 -18.89
N GLY A 318 -4.55 -3.59 -18.65
CA GLY A 318 -4.42 -4.59 -19.73
C GLY A 318 -4.04 -5.97 -19.19
CA CA B . -28.02 12.75 -9.04
CA CA C . -8.56 1.50 17.70
CA CA D . -12.59 -14.19 -4.74
#